data_8DWM
#
_entry.id   8DWM
#
_cell.length_a   52.808
_cell.length_b   144.292
_cell.length_c   49.885
_cell.angle_alpha   90.000
_cell.angle_beta   90.000
_cell.angle_gamma   90.000
#
_symmetry.space_group_name_H-M   'P 21 21 2'
#
loop_
_entity.id
_entity.type
_entity.pdbx_description
1 polymer 'reverse transcriptase'
2 polymer "DNA (5'-D(*CP*TP*TP*AP*GP*TP*TP*A)-3')"
3 polymer "DNA (5'-D(P*TP*AP*AP*CP*TP*AP*AP*G)-3')"
4 non-polymer 'COBALT (III) ION'
5 non-polymer 'BLEOMYCIN A2'
6 water water
#
loop_
_entity_poly.entity_id
_entity_poly.type
_entity_poly.pdbx_seq_one_letter_code
_entity_poly.pdbx_strand_id
1 'polypeptide(L)'
;GSHMTWLSDFPQAWAETGGMGLAVRQAPLIIPLKATSTPVSIKQYPMSQEARLGIKPHIQRLLDQGILVPCQSPWNTPLL
PVKKPGTNDYRPVQDLREVNKRVEDIHPTVPNPYNLLSGLPPSHQWYTVLDLKDAFFCLRLHPTSQPLFAFEWRDPEMGI
SGQLTWTRLPQGFKNSPTLFDEALHRDLADFRIQHPDLILLQYVDDLLLAATSELDCQQGTRALLQTLGNLGYRASAKKA
QICQKQVKYLGYLLKEGQRLTRGSGC
;
A
2 'polydeoxyribonucleotide' (DC)(DT)(DT)(DA)(DG)(DT)(DT)(DA) B
3 'polydeoxyribonucleotide' (DT)(DA)(DA)(DC)(DT)(DA)(DA)(DG) G
#
loop_
_chem_comp.id
_chem_comp.type
_chem_comp.name
_chem_comp.formula
3CO non-polymer 'COBALT (III) ION' 'Co 3'
BLM non-polymer 'BLEOMYCIN A2' 'C55 H85 N17 O21 S3'
DA DNA linking 2'-DEOXYADENOSINE-5'-MONOPHOSPHATE 'C10 H14 N5 O6 P'
DC DNA linking 2'-DEOXYCYTIDINE-5'-MONOPHOSPHATE 'C9 H14 N3 O7 P'
DG DNA linking 2'-DEOXYGUANOSINE-5'-MONOPHOSPHATE 'C10 H14 N5 O7 P'
DT DNA linking THYMIDINE-5'-MONOPHOSPHATE 'C10 H15 N2 O8 P'
#
# COMPACT_ATOMS: atom_id res chain seq x y z
N THR A 5 -25.17 -2.85 6.57
CA THR A 5 -24.26 -3.50 7.50
C THR A 5 -22.98 -3.96 6.83
N TRP A 6 -22.70 -3.41 5.64
CA TRP A 6 -21.45 -3.71 4.98
C TRP A 6 -20.27 -3.43 5.90
N LEU A 7 -20.32 -2.32 6.63
CA LEU A 7 -19.25 -1.98 7.54
C LEU A 7 -19.29 -2.87 8.78
N SER A 8 -20.46 -2.99 9.41
CA SER A 8 -20.58 -3.76 10.64
C SER A 8 -20.14 -5.21 10.44
N ASP A 9 -20.44 -5.78 9.26
CA ASP A 9 -20.25 -7.20 9.06
C ASP A 9 -18.77 -7.59 8.87
N PHE A 10 -17.86 -6.63 8.73
CA PHE A 10 -16.46 -6.91 8.40
C PHE A 10 -15.59 -5.86 9.07
N PRO A 11 -15.54 -5.87 10.40
CA PRO A 11 -14.74 -4.84 11.11
C PRO A 11 -13.27 -4.85 10.72
N GLN A 12 -12.64 -6.03 10.71
CA GLN A 12 -11.21 -6.10 10.50
C GLN A 12 -10.80 -5.83 9.05
N ALA A 13 -11.75 -5.61 8.15
CA ALA A 13 -11.44 -5.42 6.74
C ALA A 13 -11.30 -3.95 6.34
N TRP A 14 -11.87 -3.03 7.11
CA TRP A 14 -11.84 -1.61 6.80
C TRP A 14 -10.81 -0.90 7.68
N ALA A 15 -10.03 -0.02 7.06
CA ALA A 15 -9.07 0.78 7.83
C ALA A 15 -9.78 1.60 8.89
N GLU A 16 -10.99 2.07 8.59
CA GLU A 16 -11.72 2.91 9.54
C GLU A 16 -11.97 2.18 10.85
N THR A 17 -12.23 0.87 10.79
CA THR A 17 -12.58 0.09 11.97
C THR A 17 -11.74 -1.19 12.05
N GLY A 18 -10.52 -1.15 11.55
CA GLY A 18 -9.62 -2.28 11.64
C GLY A 18 -8.23 -1.88 12.07
N GLY A 19 -8.07 -0.61 12.45
CA GLY A 19 -6.78 -0.11 12.87
C GLY A 19 -5.77 -0.05 11.74
N MET A 20 -4.76 -0.92 11.80
CA MET A 20 -3.67 -0.91 10.84
C MET A 20 -3.42 -2.33 10.37
N GLY A 21 -2.99 -2.47 9.12
CA GLY A 21 -2.81 -3.77 8.52
C GLY A 21 -1.44 -4.37 8.78
N LEU A 22 -1.29 -5.62 8.33
CA LEU A 22 -0.04 -6.35 8.47
C LEU A 22 -0.15 -7.68 7.73
N ALA A 23 0.38 -7.74 6.51
CA ALA A 23 0.32 -8.98 5.74
C ALA A 23 1.07 -10.09 6.47
N VAL A 24 0.38 -10.74 7.41
CA VAL A 24 1.04 -11.69 8.30
C VAL A 24 1.68 -12.82 7.53
N ARG A 25 1.13 -13.19 6.37
CA ARG A 25 1.66 -14.32 5.61
C ARG A 25 3.01 -14.04 4.98
N GLN A 26 3.38 -12.77 4.80
CA GLN A 26 4.53 -12.38 4.01
C GLN A 26 5.75 -12.21 4.91
N ALA A 27 6.82 -12.93 4.60
CA ALA A 27 8.07 -12.76 5.31
C ALA A 27 8.59 -11.33 5.11
N PRO A 28 9.26 -10.76 6.12
CA PRO A 28 9.88 -9.45 5.92
C PRO A 28 10.81 -9.45 4.72
N LEU A 29 10.71 -8.40 3.91
CA LEU A 29 11.47 -8.33 2.66
C LEU A 29 12.90 -7.90 2.92
N ILE A 30 13.79 -8.33 2.03
CA ILE A 30 15.14 -7.78 1.93
C ILE A 30 15.20 -6.95 0.67
N ILE A 31 15.99 -5.88 0.71
CA ILE A 31 16.15 -4.98 -0.42
C ILE A 31 17.56 -5.17 -0.97
N PRO A 32 17.77 -6.05 -1.96
CA PRO A 32 19.13 -6.28 -2.45
C PRO A 32 19.70 -5.04 -3.13
N LEU A 33 20.98 -4.81 -2.89
CA LEU A 33 21.66 -3.62 -3.38
C LEU A 33 22.34 -3.90 -4.72
N LYS A 34 22.71 -2.81 -5.39
CA LYS A 34 23.59 -2.92 -6.55
C LYS A 34 25.01 -3.22 -6.07
N ALA A 35 25.69 -4.13 -6.77
CA ALA A 35 27.02 -4.54 -6.35
C ALA A 35 27.95 -3.35 -6.11
N THR A 36 27.62 -2.18 -6.64
CA THR A 36 28.45 -0.99 -6.51
C THR A 36 28.02 -0.05 -5.39
N SER A 37 26.91 -0.34 -4.72
CA SER A 37 26.23 0.65 -3.89
C SER A 37 26.85 0.72 -2.50
N THR A 38 27.08 1.94 -2.03
CA THR A 38 27.60 2.26 -0.71
C THR A 38 26.69 3.28 -0.05
N PRO A 39 26.60 3.30 1.28
CA PRO A 39 25.67 4.22 1.95
C PRO A 39 25.90 5.67 1.55
N VAL A 40 24.82 6.45 1.62
CA VAL A 40 24.86 7.89 1.41
C VAL A 40 24.12 8.53 2.57
N SER A 41 24.74 9.56 3.18
CA SER A 41 24.16 10.28 4.30
C SER A 41 23.93 11.72 3.87
N ILE A 42 22.67 12.11 3.70
CA ILE A 42 22.30 13.45 3.30
C ILE A 42 21.79 14.18 4.53
N LYS A 43 22.36 15.36 4.79
CA LYS A 43 22.01 16.10 6.00
C LYS A 43 20.60 16.66 5.90
N GLN A 44 19.93 16.74 7.05
CA GLN A 44 18.57 17.25 7.11
C GLN A 44 18.56 18.75 6.83
N TYR A 45 17.68 19.17 5.94
CA TYR A 45 17.49 20.60 5.72
C TYR A 45 16.73 21.20 6.91
N PRO A 46 17.00 22.47 7.24
CA PRO A 46 16.19 23.12 8.28
C PRO A 46 14.72 23.08 7.93
N MET A 47 13.90 23.50 8.89
CA MET A 47 12.46 23.26 8.80
C MET A 47 11.75 24.21 9.75
N SER A 48 10.81 25.01 9.22
CA SER A 48 10.08 25.95 10.05
C SER A 48 9.45 25.24 11.23
N GLN A 49 9.38 25.94 12.36
CA GLN A 49 8.75 25.36 13.54
C GLN A 49 7.32 24.93 13.25
N GLU A 50 6.60 25.71 12.44
CA GLU A 50 5.24 25.32 12.06
C GLU A 50 5.26 24.00 11.31
N ALA A 51 6.10 23.89 10.29
CA ALA A 51 6.21 22.63 9.55
C ALA A 51 6.51 21.47 10.49
N ARG A 52 7.63 21.57 11.22
CA ARG A 52 8.01 20.52 12.15
C ARG A 52 6.89 20.22 13.14
N LEU A 53 6.07 21.21 13.48
CA LEU A 53 4.97 20.98 14.41
C LEU A 53 3.84 20.18 13.74
N GLY A 54 3.56 20.46 12.47
CA GLY A 54 2.55 19.71 11.74
C GLY A 54 2.98 18.30 11.41
N ILE A 55 4.28 18.01 11.50
CA ILE A 55 4.78 16.68 11.17
C ILE A 55 4.88 15.80 12.42
N LYS A 56 5.01 16.40 13.60
CA LYS A 56 5.10 15.62 14.83
C LYS A 56 3.94 14.64 15.01
N PRO A 57 2.68 14.99 14.74
CA PRO A 57 1.60 14.03 15.00
C PRO A 57 1.71 12.76 14.19
N HIS A 58 2.26 12.83 12.97
CA HIS A 58 2.47 11.62 12.18
C HIS A 58 3.62 10.79 12.76
N ILE A 59 4.78 11.41 12.96
CA ILE A 59 5.91 10.71 13.57
C ILE A 59 5.51 10.09 14.89
N GLN A 60 4.57 10.71 15.60
CA GLN A 60 4.14 10.19 16.90
C GLN A 60 3.35 8.88 16.72
N ARG A 61 2.34 8.90 15.86
CA ARG A 61 1.54 7.72 15.58
C ARG A 61 2.41 6.55 15.16
N LEU A 62 3.03 6.66 13.97
CA LEU A 62 3.83 5.58 13.42
C LEU A 62 4.90 5.10 14.40
N LEU A 63 5.24 5.91 15.40
CA LEU A 63 6.13 5.44 16.46
C LEU A 63 5.38 4.55 17.45
N ASP A 64 4.15 4.93 17.80
CA ASP A 64 3.34 4.09 18.68
C ASP A 64 2.92 2.81 17.98
N GLN A 65 2.59 2.90 16.69
CA GLN A 65 2.24 1.73 15.89
C GLN A 65 3.43 0.83 15.59
N GLY A 66 4.64 1.20 16.03
CA GLY A 66 5.81 0.40 15.73
C GLY A 66 6.19 0.39 14.27
N ILE A 67 5.69 1.34 13.49
CA ILE A 67 6.08 1.44 12.08
C ILE A 67 7.40 2.18 11.96
N LEU A 68 7.60 3.20 12.77
CA LEU A 68 8.90 3.85 12.94
C LEU A 68 9.51 3.41 14.26
N VAL A 69 10.84 3.32 14.28
CA VAL A 69 11.57 3.00 15.51
C VAL A 69 12.93 3.67 15.45
N PRO A 70 13.58 3.93 16.59
CA PRO A 70 14.90 4.56 16.55
C PRO A 70 15.95 3.61 15.99
N CYS A 71 17.03 4.19 15.49
CA CYS A 71 18.10 3.40 14.91
C CYS A 71 19.33 4.28 14.76
N GLN A 72 20.32 3.77 14.02
CA GLN A 72 21.64 4.39 13.94
C GLN A 72 22.31 3.79 12.70
N SER A 73 22.27 4.51 11.60
CA SER A 73 22.67 3.99 10.30
C SER A 73 23.54 4.97 9.55
N PRO A 74 24.37 4.48 8.62
CA PRO A 74 25.09 5.39 7.71
C PRO A 74 24.20 5.96 6.63
N TRP A 75 23.09 5.30 6.33
CA TRP A 75 22.10 5.84 5.41
C TRP A 75 21.30 6.94 6.10
N ASN A 76 21.10 8.05 5.41
CA ASN A 76 20.23 9.10 5.91
C ASN A 76 19.81 9.98 4.75
N THR A 77 18.50 10.18 4.60
CA THR A 77 17.94 11.02 3.56
C THR A 77 17.07 12.11 4.19
N PRO A 78 16.84 13.20 3.48
CA PRO A 78 16.11 14.33 4.07
C PRO A 78 14.62 14.11 4.13
N LEU A 79 14.00 14.77 5.11
CA LEU A 79 12.56 14.79 5.30
C LEU A 79 12.02 16.13 4.84
N LEU A 80 10.73 16.16 4.48
CA LEU A 80 10.22 17.30 3.73
C LEU A 80 8.95 17.87 4.35
N PRO A 81 8.78 19.21 4.30
CA PRO A 81 7.48 19.82 4.61
C PRO A 81 6.67 20.15 3.36
N VAL A 82 5.48 19.57 3.21
CA VAL A 82 4.67 19.71 2.01
C VAL A 82 3.26 20.14 2.40
N LYS A 83 2.68 21.03 1.60
CA LYS A 83 1.29 21.41 1.76
C LYS A 83 0.38 20.35 1.11
N THR A 87 -5.41 21.36 -0.36
CA THR A 87 -5.05 20.81 0.95
C THR A 87 -3.91 21.61 1.57
N ASN A 88 -4.24 22.53 2.46
CA ASN A 88 -3.25 23.35 3.14
C ASN A 88 -2.89 22.75 4.51
N ASP A 89 -2.37 21.52 4.45
CA ASP A 89 -1.94 20.80 5.64
C ASP A 89 -0.60 20.15 5.37
N TYR A 90 0.06 19.70 6.43
CA TYR A 90 1.40 19.13 6.33
C TYR A 90 1.36 17.62 6.54
N ARG A 91 2.29 16.93 5.89
CA ARG A 91 2.38 15.49 5.96
C ARG A 91 3.81 15.06 5.60
N PRO A 92 4.46 14.22 6.39
CA PRO A 92 5.87 13.91 6.13
C PRO A 92 6.06 13.24 4.78
N VAL A 93 7.13 13.63 4.08
CA VAL A 93 7.47 13.10 2.78
C VAL A 93 8.99 12.92 2.75
N GLN A 94 9.44 11.67 2.65
CA GLN A 94 10.88 11.39 2.61
C GLN A 94 11.39 11.47 1.18
N ASP A 95 12.66 11.85 1.06
CA ASP A 95 13.32 11.95 -0.24
C ASP A 95 14.25 10.75 -0.43
N LEU A 96 13.67 9.65 -0.88
CA LEU A 96 14.37 8.39 -1.06
C LEU A 96 15.04 8.28 -2.42
N ARG A 97 15.21 9.39 -3.12
CA ARG A 97 15.72 9.32 -4.49
C ARG A 97 17.15 8.80 -4.54
N GLU A 98 17.98 9.21 -3.57
CA GLU A 98 19.37 8.77 -3.60
C GLU A 98 19.49 7.30 -3.20
N VAL A 99 18.60 6.82 -2.33
CA VAL A 99 18.59 5.39 -2.01
C VAL A 99 18.12 4.58 -3.20
N ASN A 100 17.06 5.04 -3.87
CA ASN A 100 16.57 4.36 -5.06
C ASN A 100 17.69 4.11 -6.05
N LYS A 101 18.53 5.12 -6.29
CA LYS A 101 19.63 4.98 -7.23
C LYS A 101 20.52 3.79 -6.89
N ARG A 102 20.57 3.40 -5.62
CA ARG A 102 21.49 2.38 -5.15
C ARG A 102 20.85 1.01 -4.98
N VAL A 103 19.53 0.90 -5.07
CA VAL A 103 18.84 -0.37 -4.91
C VAL A 103 18.78 -1.07 -6.25
N GLU A 104 19.09 -2.37 -6.26
CA GLU A 104 18.98 -3.15 -7.48
C GLU A 104 17.54 -3.18 -7.97
N ASP A 105 17.37 -2.98 -9.27
CA ASP A 105 16.03 -2.99 -9.84
C ASP A 105 15.48 -4.41 -9.87
N ILE A 106 14.15 -4.50 -9.92
CA ILE A 106 13.45 -5.77 -10.05
C ILE A 106 12.59 -5.71 -11.30
N HIS A 107 12.25 -6.88 -11.82
CA HIS A 107 11.51 -6.96 -13.08
C HIS A 107 10.10 -6.44 -12.88
N PRO A 108 9.62 -5.51 -13.70
CA PRO A 108 8.23 -5.06 -13.56
C PRO A 108 7.25 -6.19 -13.83
N THR A 109 6.36 -6.43 -12.86
CA THR A 109 5.27 -7.38 -13.03
C THR A 109 3.90 -6.71 -13.04
N VAL A 110 3.80 -5.47 -12.57
CA VAL A 110 2.55 -4.73 -12.57
C VAL A 110 2.10 -4.55 -14.01
N PRO A 111 1.02 -5.20 -14.46
CA PRO A 111 0.53 -4.97 -15.82
C PRO A 111 0.02 -3.54 -15.95
N ASN A 112 0.19 -2.98 -17.13
CA ASN A 112 -0.33 -1.65 -17.31
C ASN A 112 -1.86 -1.69 -17.42
N PRO A 113 -2.55 -0.65 -16.96
CA PRO A 113 -4.02 -0.72 -16.89
C PRO A 113 -4.72 -1.20 -18.15
N TYR A 114 -4.27 -0.80 -19.34
CA TYR A 114 -4.98 -1.21 -20.55
C TYR A 114 -5.05 -2.73 -20.66
N ASN A 115 -3.90 -3.39 -20.67
CA ASN A 115 -3.88 -4.84 -20.81
C ASN A 115 -4.55 -5.53 -19.62
N LEU A 116 -4.54 -4.88 -18.46
CA LEU A 116 -5.25 -5.44 -17.31
C LEU A 116 -6.74 -5.56 -17.60
N LEU A 117 -7.36 -4.48 -18.05
CA LEU A 117 -8.79 -4.49 -18.32
C LEU A 117 -9.15 -5.36 -19.51
N SER A 118 -8.19 -5.67 -20.39
CA SER A 118 -8.47 -6.51 -21.54
C SER A 118 -9.15 -7.80 -21.12
N GLY A 119 -8.67 -8.44 -20.06
CA GLY A 119 -9.21 -9.70 -19.62
C GLY A 119 -10.48 -9.59 -18.81
N LEU A 120 -11.36 -8.66 -19.19
CA LEU A 120 -12.65 -8.49 -18.51
C LEU A 120 -13.77 -9.00 -19.42
N PRO A 121 -14.29 -10.21 -19.20
CA PRO A 121 -15.39 -10.71 -20.02
C PRO A 121 -16.60 -9.78 -19.93
N PRO A 122 -17.19 -9.41 -21.07
CA PRO A 122 -18.41 -8.58 -21.01
C PRO A 122 -19.55 -9.23 -20.23
N SER A 123 -19.50 -10.54 -19.99
CA SER A 123 -20.57 -11.20 -19.27
C SER A 123 -20.67 -10.76 -17.82
N HIS A 124 -19.59 -10.23 -17.25
CA HIS A 124 -19.54 -9.88 -15.83
C HIS A 124 -19.76 -8.38 -15.70
N GLN A 125 -20.98 -7.99 -15.30
CA GLN A 125 -21.40 -6.60 -15.32
C GLN A 125 -21.74 -6.08 -13.91
N TRP A 126 -21.30 -6.78 -12.87
CA TRP A 126 -21.59 -6.41 -11.49
C TRP A 126 -20.27 -6.18 -10.77
N TYR A 127 -19.96 -4.93 -10.47
CA TYR A 127 -18.62 -4.51 -10.08
C TYR A 127 -18.55 -4.14 -8.60
N THR A 128 -17.38 -4.38 -8.02
CA THR A 128 -17.00 -3.86 -6.71
C THR A 128 -15.57 -3.38 -6.79
N VAL A 129 -15.31 -2.19 -6.26
CA VAL A 129 -14.00 -1.54 -6.36
C VAL A 129 -13.52 -1.19 -4.96
N LEU A 130 -12.28 -1.55 -4.66
CA LEU A 130 -11.69 -1.29 -3.35
C LEU A 130 -10.26 -0.80 -3.53
N ASP A 131 -9.92 0.27 -2.84
CA ASP A 131 -8.53 0.70 -2.70
C ASP A 131 -8.04 0.32 -1.30
N LEU A 132 -6.81 -0.17 -1.23
CA LEU A 132 -6.24 -0.61 0.03
C LEU A 132 -5.57 0.57 0.73
N LYS A 133 -5.88 0.73 2.01
CA LYS A 133 -5.43 1.88 2.79
C LYS A 133 -4.05 1.61 3.38
N ASP A 134 -3.16 2.59 3.27
CA ASP A 134 -1.77 2.44 3.69
C ASP A 134 -1.23 1.07 3.27
N ALA A 135 -1.36 0.81 1.97
CA ALA A 135 -1.02 -0.51 1.43
C ALA A 135 0.37 -0.94 1.86
N PHE A 136 1.37 -0.09 1.63
CA PHE A 136 2.76 -0.53 1.76
C PHE A 136 3.09 -0.93 3.20
N PHE A 137 2.55 -0.20 4.18
CA PHE A 137 2.88 -0.50 5.57
C PHE A 137 2.45 -1.91 5.97
N CYS A 138 1.59 -2.56 5.18
CA CYS A 138 1.18 -3.92 5.47
C CYS A 138 2.30 -4.94 5.28
N LEU A 139 3.43 -4.53 4.72
CA LEU A 139 4.52 -5.43 4.37
C LEU A 139 5.73 -5.13 5.25
N ARG A 140 6.22 -6.16 5.95
CA ARG A 140 7.30 -5.97 6.90
C ARG A 140 8.64 -5.88 6.19
N LEU A 141 9.52 -5.04 6.74
CA LEU A 141 10.89 -4.94 6.27
C LEU A 141 11.78 -5.85 7.11
N HIS A 142 12.73 -6.51 6.47
CA HIS A 142 13.67 -7.31 7.23
C HIS A 142 14.69 -6.40 7.91
N PRO A 143 15.08 -6.71 9.16
CA PRO A 143 15.94 -5.76 9.89
C PRO A 143 17.21 -5.38 9.14
N THR A 144 17.82 -6.31 8.42
CA THR A 144 19.06 -5.98 7.71
C THR A 144 18.82 -4.99 6.58
N SER A 145 17.57 -4.83 6.13
CA SER A 145 17.24 -3.85 5.11
C SER A 145 16.74 -2.54 5.68
N GLN A 146 16.21 -2.54 6.90
CA GLN A 146 15.67 -1.33 7.50
C GLN A 146 16.63 -0.15 7.47
N PRO A 147 17.92 -0.31 7.77
CA PRO A 147 18.82 0.86 7.83
C PRO A 147 18.88 1.66 6.54
N LEU A 148 18.32 1.15 5.43
CA LEU A 148 18.45 1.84 4.15
C LEU A 148 17.66 3.14 4.12
N PHE A 149 16.55 3.24 4.84
CA PHE A 149 15.65 4.38 4.75
C PHE A 149 15.63 5.22 6.03
N ALA A 150 16.68 5.11 6.85
CA ALA A 150 16.77 5.93 8.05
C ALA A 150 16.71 7.41 7.68
N PHE A 151 16.31 8.25 8.64
CA PHE A 151 16.27 9.68 8.45
C PHE A 151 16.33 10.34 9.82
N GLU A 152 16.99 11.50 9.88
CA GLU A 152 17.16 12.19 11.15
C GLU A 152 15.89 12.95 11.50
N TRP A 153 15.45 12.84 12.74
CA TRP A 153 14.28 13.53 13.24
C TRP A 153 14.59 14.13 14.61
N ARG A 154 14.10 15.35 14.84
CA ARG A 154 14.30 16.00 16.13
C ARG A 154 13.26 17.10 16.31
N ASP A 155 12.68 17.17 17.51
CA ASP A 155 11.85 18.30 17.91
C ASP A 155 12.55 19.02 19.06
N PRO A 156 13.54 19.88 18.77
CA PRO A 156 14.42 20.52 19.75
C PRO A 156 13.70 21.02 21.00
N SER A 161 17.51 13.98 19.41
CA SER A 161 17.76 14.01 17.98
C SER A 161 18.13 12.62 17.48
N GLY A 162 18.72 12.56 16.29
CA GLY A 162 19.16 11.30 15.74
C GLY A 162 18.13 10.61 14.88
N GLN A 163 18.46 9.38 14.51
CA GLN A 163 17.84 8.73 13.37
C GLN A 163 16.63 7.88 13.76
N LEU A 164 15.66 7.85 12.86
CA LEU A 164 14.53 6.94 12.89
C LEU A 164 14.43 6.27 11.52
N THR A 165 13.99 5.01 11.49
CA THR A 165 13.78 4.30 10.23
C THR A 165 12.44 3.57 10.27
N TRP A 166 12.13 2.90 9.17
CA TRP A 166 10.86 2.22 8.99
C TRP A 166 11.02 0.72 9.18
N THR A 167 9.97 0.10 9.70
CA THR A 167 9.91 -1.35 9.81
C THR A 167 8.97 -1.96 8.79
N ARG A 168 8.40 -1.16 7.90
CA ARG A 168 7.49 -1.63 6.87
C ARG A 168 7.87 -0.97 5.56
N LEU A 169 7.33 -1.49 4.46
CA LEU A 169 7.71 -0.98 3.15
C LEU A 169 7.34 0.49 3.05
N PRO A 170 8.27 1.39 2.69
CA PRO A 170 8.03 2.81 2.90
C PRO A 170 7.46 3.54 1.69
N GLN A 171 6.91 4.73 1.96
CA GLN A 171 6.45 5.62 0.90
C GLN A 171 7.64 6.10 0.07
N GLY A 172 7.59 5.87 -1.24
CA GLY A 172 8.59 6.38 -2.14
C GLY A 172 9.71 5.44 -2.50
N PHE A 173 9.77 4.27 -1.88
CA PHE A 173 10.74 3.26 -2.29
C PHE A 173 10.36 2.78 -3.69
N LYS A 174 11.27 2.95 -4.65
CA LYS A 174 10.92 2.80 -6.06
C LYS A 174 10.30 1.43 -6.36
N ASN A 175 10.67 0.40 -5.62
CA ASN A 175 10.14 -0.94 -5.86
C ASN A 175 8.89 -1.23 -5.03
N SER A 176 8.42 -0.28 -4.24
CA SER A 176 7.30 -0.58 -3.33
C SER A 176 6.07 -1.05 -4.07
N PRO A 177 5.61 -0.42 -5.14
CA PRO A 177 4.37 -0.88 -5.78
C PRO A 177 4.49 -2.27 -6.39
N THR A 178 5.61 -2.56 -7.05
CA THR A 178 5.80 -3.90 -7.59
C THR A 178 5.81 -4.94 -6.49
N LEU A 179 6.50 -4.65 -5.37
CA LEU A 179 6.59 -5.64 -4.30
C LEU A 179 5.22 -5.90 -3.67
N PHE A 180 4.43 -4.85 -3.47
CA PHE A 180 3.08 -5.06 -2.92
C PHE A 180 2.23 -5.87 -3.88
N ASP A 181 2.35 -5.60 -5.18
CA ASP A 181 1.60 -6.38 -6.17
C ASP A 181 1.93 -7.86 -6.04
N GLU A 182 3.22 -8.21 -6.07
CA GLU A 182 3.62 -9.60 -5.93
C GLU A 182 3.07 -10.19 -4.64
N ALA A 183 3.10 -9.42 -3.55
CA ALA A 183 2.61 -9.91 -2.27
C ALA A 183 1.13 -10.22 -2.32
N LEU A 184 0.33 -9.29 -2.83
CA LEU A 184 -1.12 -9.48 -2.79
C LEU A 184 -1.57 -10.55 -3.76
N HIS A 185 -0.98 -10.59 -4.95
CA HIS A 185 -1.26 -11.70 -5.87
C HIS A 185 -1.00 -13.03 -5.18
N ARG A 186 0.15 -13.16 -4.53
CA ARG A 186 0.43 -14.34 -3.72
C ARG A 186 -0.71 -14.63 -2.76
N ASP A 187 -1.13 -13.61 -2.00
CA ASP A 187 -2.04 -13.82 -0.88
C ASP A 187 -3.46 -14.09 -1.31
N LEU A 188 -3.84 -13.71 -2.53
CA LEU A 188 -5.17 -13.97 -3.04
C LEU A 188 -5.21 -15.13 -4.02
N ALA A 189 -4.08 -15.81 -4.22
CA ALA A 189 -4.06 -17.00 -5.07
C ALA A 189 -5.15 -17.99 -4.65
N ASP A 190 -5.28 -18.22 -3.35
CA ASP A 190 -6.32 -19.12 -2.86
C ASP A 190 -7.70 -18.63 -3.28
N PHE A 191 -8.06 -17.42 -2.85
CA PHE A 191 -9.36 -16.84 -3.19
C PHE A 191 -9.69 -17.04 -4.66
N ARG A 192 -8.77 -16.65 -5.55
CA ARG A 192 -8.99 -16.83 -6.98
C ARG A 192 -9.47 -18.24 -7.30
N ILE A 193 -8.94 -19.23 -6.59
CA ILE A 193 -9.33 -20.61 -6.85
C ILE A 193 -10.69 -20.92 -6.22
N GLN A 194 -10.94 -20.41 -5.01
CA GLN A 194 -12.18 -20.70 -4.32
C GLN A 194 -13.40 -20.13 -5.03
N HIS A 195 -13.21 -19.17 -5.93
CA HIS A 195 -14.32 -18.49 -6.60
C HIS A 195 -13.98 -18.33 -8.07
N PRO A 196 -14.07 -19.41 -8.85
CA PRO A 196 -13.68 -19.34 -10.27
C PRO A 196 -14.66 -18.61 -11.14
N ASP A 197 -15.89 -18.38 -10.68
CA ASP A 197 -16.86 -17.63 -11.46
C ASP A 197 -16.67 -16.12 -11.35
N LEU A 198 -15.84 -15.66 -10.42
CA LEU A 198 -15.59 -14.24 -10.25
C LEU A 198 -14.32 -13.83 -10.99
N ILE A 199 -14.23 -12.54 -11.30
CA ILE A 199 -13.08 -11.96 -11.97
C ILE A 199 -12.47 -10.94 -11.04
N LEU A 200 -11.22 -11.17 -10.64
CA LEU A 200 -10.50 -10.28 -9.73
C LEU A 200 -9.36 -9.60 -10.48
N LEU A 201 -9.32 -8.28 -10.40
CA LEU A 201 -8.31 -7.47 -11.07
C LEU A 201 -7.43 -6.78 -10.04
N GLN A 202 -6.13 -6.79 -10.28
CA GLN A 202 -5.15 -6.33 -9.31
C GLN A 202 -4.22 -5.31 -9.95
N TYR A 203 -4.17 -4.11 -9.39
CA TYR A 203 -3.20 -3.09 -9.77
C TYR A 203 -2.68 -2.47 -8.47
N VAL A 204 -1.58 -3.03 -7.97
CA VAL A 204 -0.94 -2.54 -6.75
C VAL A 204 -1.94 -2.61 -5.59
N ASP A 205 -2.59 -1.49 -5.28
CA ASP A 205 -3.50 -1.41 -4.15
C ASP A 205 -4.97 -1.31 -4.56
N ASP A 206 -5.26 -1.08 -5.84
CA ASP A 206 -6.63 -0.92 -6.32
C ASP A 206 -7.12 -2.23 -6.92
N LEU A 207 -8.29 -2.68 -6.45
CA LEU A 207 -8.85 -3.96 -6.84
C LEU A 207 -10.19 -3.78 -7.53
N LEU A 208 -10.52 -4.74 -8.38
CA LEU A 208 -11.81 -4.77 -9.08
C LEU A 208 -12.33 -6.20 -9.06
N LEU A 209 -13.53 -6.37 -8.50
CA LEU A 209 -14.21 -7.66 -8.48
C LEU A 209 -15.47 -7.55 -9.30
N ALA A 210 -15.62 -8.43 -10.29
CA ALA A 210 -16.76 -8.40 -11.20
C ALA A 210 -17.42 -9.78 -11.22
N ALA A 211 -18.76 -9.79 -11.28
CA ALA A 211 -19.52 -11.02 -11.18
C ALA A 211 -20.65 -11.02 -12.20
N THR A 212 -21.33 -12.16 -12.29
CA THR A 212 -22.43 -12.33 -13.23
C THR A 212 -23.71 -11.71 -12.70
N SER A 213 -24.15 -12.16 -11.53
CA SER A 213 -25.37 -11.68 -10.89
C SER A 213 -25.02 -10.75 -9.73
N GLU A 214 -25.98 -9.88 -9.39
CA GLU A 214 -25.81 -9.12 -8.15
C GLU A 214 -25.74 -10.04 -6.95
N LEU A 215 -26.31 -11.25 -7.05
CA LEU A 215 -26.10 -12.25 -6.02
C LEU A 215 -24.64 -12.64 -5.93
N ASP A 216 -24.10 -13.18 -7.04
CA ASP A 216 -22.70 -13.60 -7.04
C ASP A 216 -21.76 -12.46 -6.71
N CYS A 217 -22.17 -11.22 -6.91
CA CYS A 217 -21.32 -10.08 -6.57
C CYS A 217 -21.26 -9.88 -5.06
N GLN A 218 -22.43 -9.74 -4.42
CA GLN A 218 -22.46 -9.54 -2.98
C GLN A 218 -21.81 -10.71 -2.26
N GLN A 219 -22.23 -11.95 -2.59
CA GLN A 219 -21.62 -13.12 -1.98
C GLN A 219 -20.11 -13.11 -2.18
N GLY A 220 -19.66 -12.65 -3.35
CA GLY A 220 -18.22 -12.57 -3.59
C GLY A 220 -17.57 -11.45 -2.79
N THR A 221 -18.20 -10.28 -2.77
CA THR A 221 -17.65 -9.17 -2.01
C THR A 221 -17.50 -9.52 -0.54
N ARG A 222 -18.38 -10.38 -0.01
CA ARG A 222 -18.22 -10.84 1.37
C ARG A 222 -17.04 -11.80 1.48
N ALA A 223 -16.95 -12.77 0.56
CA ALA A 223 -15.85 -13.72 0.60
C ALA A 223 -14.50 -13.00 0.52
N LEU A 224 -14.44 -11.92 -0.26
CA LEU A 224 -13.19 -11.18 -0.39
C LEU A 224 -12.94 -10.30 0.83
N LEU A 225 -13.93 -9.49 1.22
CA LEU A 225 -13.76 -8.61 2.39
C LEU A 225 -13.35 -9.41 3.61
N GLN A 226 -13.85 -10.64 3.75
CA GLN A 226 -13.40 -11.50 4.83
C GLN A 226 -11.98 -11.98 4.59
N THR A 227 -11.70 -12.48 3.39
CA THR A 227 -10.35 -12.93 3.06
C THR A 227 -9.32 -11.85 3.34
N LEU A 228 -9.66 -10.60 3.06
CA LEU A 228 -8.69 -9.51 3.17
C LEU A 228 -8.42 -9.18 4.63
N GLY A 229 -9.48 -8.99 5.42
CA GLY A 229 -9.30 -8.66 6.81
C GLY A 229 -8.42 -9.67 7.53
N ASN A 230 -8.74 -10.95 7.39
CA ASN A 230 -7.95 -11.99 8.04
C ASN A 230 -6.50 -11.94 7.60
N LEU A 231 -6.25 -11.70 6.31
CA LEU A 231 -4.90 -11.78 5.79
C LEU A 231 -4.05 -10.59 6.24
N GLY A 232 -4.67 -9.46 6.57
CA GLY A 232 -3.95 -8.37 7.19
C GLY A 232 -4.07 -7.03 6.52
N TYR A 233 -4.77 -6.97 5.38
CA TYR A 233 -4.91 -5.71 4.67
C TYR A 233 -6.21 -5.00 5.07
N ARG A 234 -6.27 -3.72 4.75
CA ARG A 234 -7.40 -2.86 5.11
C ARG A 234 -7.79 -2.01 3.91
N ALA A 235 -9.10 -1.88 3.69
CA ALA A 235 -9.63 -1.11 2.57
C ALA A 235 -10.34 0.13 3.10
N SER A 236 -10.39 1.16 2.26
CA SER A 236 -11.09 2.39 2.60
C SER A 236 -12.59 2.18 2.46
N ALA A 237 -13.30 2.16 3.59
CA ALA A 237 -14.76 2.12 3.54
C ALA A 237 -15.33 3.39 2.94
N LYS A 238 -14.59 4.49 2.97
CA LYS A 238 -15.03 5.74 2.38
C LYS A 238 -15.12 5.61 0.87
N LYS A 239 -13.97 5.54 0.20
CA LYS A 239 -13.89 5.47 -1.24
C LYS A 239 -14.38 4.13 -1.81
N ALA A 240 -15.07 3.29 -1.04
CA ALA A 240 -15.48 2.00 -1.53
C ALA A 240 -16.62 2.14 -2.54
N GLN A 241 -16.74 1.13 -3.40
CA GLN A 241 -17.80 1.06 -4.41
C GLN A 241 -18.27 -0.38 -4.47
N ILE A 242 -19.46 -0.66 -3.92
CA ILE A 242 -19.91 -2.02 -3.68
C ILE A 242 -21.05 -2.37 -4.63
N CYS A 243 -20.87 -3.46 -5.37
CA CYS A 243 -21.90 -4.06 -6.23
C CYS A 243 -22.68 -3.03 -7.04
N GLN A 244 -22.01 -2.36 -7.96
CA GLN A 244 -22.65 -1.49 -8.93
C GLN A 244 -22.50 -2.08 -10.32
N LYS A 245 -23.34 -1.62 -11.25
CA LYS A 245 -23.09 -1.82 -12.67
C LYS A 245 -22.28 -0.69 -13.27
N GLN A 246 -21.95 0.33 -12.47
CA GLN A 246 -21.14 1.46 -12.92
C GLN A 246 -20.17 1.81 -11.81
N VAL A 247 -18.87 1.65 -12.08
CA VAL A 247 -17.83 1.94 -11.09
C VAL A 247 -16.69 2.68 -11.76
N LYS A 248 -15.84 3.28 -10.93
CA LYS A 248 -14.66 4.01 -11.36
C LYS A 248 -13.42 3.21 -10.96
N TYR A 249 -12.78 2.55 -11.92
CA TYR A 249 -11.57 1.78 -11.67
C TYR A 249 -10.43 2.31 -12.51
N LEU A 250 -9.31 2.63 -11.86
CA LEU A 250 -8.10 3.13 -12.50
C LEU A 250 -8.43 4.11 -13.62
N GLY A 251 -9.26 5.09 -13.28
CA GLY A 251 -9.54 6.20 -14.18
C GLY A 251 -10.50 5.90 -15.32
N TYR A 252 -10.76 4.64 -15.62
CA TYR A 252 -11.77 4.28 -16.60
C TYR A 252 -13.15 4.22 -15.95
N LEU A 253 -14.17 4.57 -16.73
CA LEU A 253 -15.55 4.39 -16.32
C LEU A 253 -16.06 3.08 -16.90
N LEU A 254 -16.65 2.24 -16.05
CA LEU A 254 -17.17 0.94 -16.46
C LEU A 254 -18.70 0.98 -16.38
N LYS A 255 -19.35 1.18 -17.53
CA LYS A 255 -20.81 1.21 -17.60
C LYS A 255 -21.25 0.22 -18.67
N GLU A 256 -21.55 -1.01 -18.25
CA GLU A 256 -22.04 -2.05 -19.14
C GLU A 256 -20.92 -2.57 -20.04
N GLY A 257 -19.69 -2.59 -19.54
CA GLY A 257 -18.57 -3.12 -20.29
C GLY A 257 -17.83 -2.10 -21.14
N GLN A 258 -18.20 -0.83 -21.08
CA GLN A 258 -17.55 0.18 -21.89
C GLN A 258 -16.29 0.70 -21.21
N ARG A 259 -15.44 1.35 -21.99
CA ARG A 259 -14.13 1.80 -21.52
C ARG A 259 -13.37 0.67 -20.86
CO 3CO D . 5.89 19.37 -19.83
NA BLM E . 5.61 19.76 -14.73
C2 BLM E . 5.92 20.01 -17.16
C1 BLM E . 5.15 20.29 -15.87
O1 BLM E . 4.15 21.03 -15.90
NC BLM E . 6.99 21.14 -19.12
C3 BLM E . 6.08 21.30 -17.98
NB BLM E . 5.27 18.93 -17.91
ND BLM E . 9.91 23.50 -18.90
C5 BLM E . 8.91 21.65 -17.59
C4 BLM E . 9.01 23.13 -17.99
O4 BLM E . 8.30 23.95 -17.50
C8 BLM E . 9.92 17.57 -17.95
C9 BLM E . 8.88 16.71 -18.32
C10 BLM E . 7.74 17.25 -18.83
NG BLM E . 7.69 18.54 -18.95
C7 BLM E . 8.63 19.40 -18.60
NE BLM E . 9.79 18.92 -18.09
C6 BLM E . 8.40 20.88 -18.81
NF BLM E . 11.07 17.11 -17.44
CA BLM E . 9.06 15.20 -18.15
C12 BLM E . 6.52 16.49 -19.30
O12 BLM E . 6.40 15.27 -19.16
NH BLM E . 5.54 17.22 -19.89
C13 BLM E . 4.33 16.61 -20.42
C30 BLM E . 4.52 16.61 -21.95
O30 BLM E . 4.13 15.70 -22.62
C14 BLM E . 3.03 17.34 -20.01
C27 BLM E . 3.01 18.83 -20.17
OH1 BLM E . 2.79 17.07 -18.62
NJ BLM E . 3.95 19.76 -19.77
C28 BLM E . 1.94 19.55 -20.71
C29 BLM E . 3.51 21.02 -20.07
NI BLM E . 2.23 20.92 -20.65
NK BLM E . 5.18 17.64 -22.52
C34 BLM E . 5.21 20.24 -23.53
C36 BLM E . 5.72 21.49 -24.27
O36 BLM E . 5.42 21.68 -25.40
OH2 BLM E . 5.74 19.23 -25.72
C31 BLM E . 5.41 17.67 -23.96
CB BLM E . 6.51 16.69 -24.34
C33 BLM E . 5.89 19.08 -24.30
CC BLM E . 3.69 20.14 -23.55
NL BLM E . 6.56 22.32 -23.64
C37 BLM E . 7.18 23.51 -24.27
C40 BLM E . 8.32 23.82 -23.28
O40 BLM E . 8.46 24.91 -22.74
C38 BLM E . 6.35 24.76 -24.53
OH3 BLM E . 5.92 25.25 -23.30
CD BLM E . 5.09 24.53 -25.41
NM BLM E . 9.14 22.81 -23.02
C42 BLM E . 11.45 23.37 -23.03
C49 BLM E . 18.57 26.02 -18.87
O49 BLM E . 19.17 25.05 -18.40
C43 BLM E . 12.80 23.18 -22.44
C41 BLM E . 10.28 22.95 -22.10
S43 BLM E . 13.70 21.71 -22.53
C44 BLM E . 14.99 22.43 -21.65
C45 BLM E . 14.69 23.72 -21.33
NN BLM E . 13.45 24.10 -21.80
C47 BLM E . 16.42 26.90 -19.77
C48 BLM E . 17.25 25.84 -19.64
NO BLM E . 16.81 24.65 -20.20
C46 BLM E . 15.55 24.74 -20.56
S46 BLM E . 14.97 26.36 -20.47
NP BLM E . 19.05 27.26 -18.72
C50 BLM E . 20.30 27.57 -17.98
C51 BLM E . 21.54 27.24 -18.82
C52 BLM E . 22.08 25.88 -18.41
S53 BLM E . 23.84 25.77 -18.75
C55 BLM E . 24.53 24.29 -17.96
C54 BLM E . 23.74 25.21 -20.46
O59 BLM E . 0.12 19.99 -15.90
O58 BLM E . 0.51 17.46 -14.71
C61 BLM E . -0.43 20.01 -18.40
O61 BLM E . -0.34 21.30 -17.85
O56 BLM E . 2.64 16.61 -16.24
C60 BLM E . 0.77 19.15 -18.00
O62 BLM E . 0.62 17.92 -18.69
C63 BLM E . 1.44 16.83 -18.29
C57 BLM E . 1.32 16.55 -16.79
C58 BLM E . 0.42 17.57 -16.11
C59 BLM E . 0.88 18.96 -16.49
C69 BLM E . 4.46 15.56 -15.09
C68 BLM E . 5.37 14.73 -16.00
C67 BLM E . 4.98 13.28 -15.78
C65 BLM E . 3.47 13.09 -15.93
O64 BLM E . 2.89 14.30 -16.42
C64 BLM E . 3.01 15.41 -15.57
O68 BLM E . 6.76 14.90 -15.71
O67 BLM E . 5.66 12.48 -16.71
O69 BLM E . 4.56 15.09 -13.77
NQ BLM E . 8.00 16.28 -14.25
C70 BLM E . 7.19 16.16 -15.30
O70 BLM E . 6.81 17.13 -15.91
O66 BLM E . 2.96 11.31 -14.41
C66 BLM E . 2.83 12.69 -14.60
HA2 BLM E . 6.31 19.26 -14.75
HA1 BLM E . 5.23 19.89 -13.96
H2 BLM E . 6.81 19.70 -16.94
HNC BLM E . 6.97 21.90 -19.57
H3E BLM E . 6.42 22.00 -17.40
H3X BLM E . 5.21 21.57 -18.32
HB1 BLM E . 4.40 19.06 -17.96
HB2 BLM E . 5.46 18.16 -17.52
HD2 BLM E . 9.98 24.32 -19.13
HD1 BLM E . 10.42 22.89 -19.25
H5E BLM E . 8.29 21.57 -16.86
H5X BLM E . 9.79 21.32 -17.32
H6 BLM E . 8.92 21.20 -19.56
HF2 BLM E . 11.76 17.64 -17.40
HF1 BLM E . 11.13 16.30 -17.17
HAA BLM E . 8.56 14.73 -18.83
HAB BLM E . 8.74 14.94 -17.28
HAC BLM E . 10.00 14.99 -18.22
H13 BLM E . 4.20 15.72 -20.06
H14 BLM E . 2.36 16.99 -20.63
H28 BLM E . 1.16 19.17 -21.05
H29 BLM E . 3.98 21.80 -19.92
HNI BLM E . 1.73 21.57 -20.92
HNK BLM E . 5.47 18.28 -22.03
H34 BLM E . 5.42 20.25 -22.57
HO2 BLM E . 5.54 18.48 -26.08
H31 BLM E . 4.59 17.43 -24.43
HBA BLM E . 7.36 17.00 -23.99
HBB BLM E . 6.57 16.62 -25.31
HBC BLM E . 6.31 15.81 -23.97
H33 BLM E . 6.82 19.16 -24.00
HCB BLM E . 3.35 20.65 -24.30
HCC BLM E . 3.32 20.49 -22.73
HCA BLM E . 3.43 19.21 -23.66
HNL BLM E . 6.75 22.15 -22.83
H37 BLM E . 7.42 23.28 -25.19
H38 BLM E . 6.92 25.35 -25.03
HO3 BLM E . 6.09 26.07 -23.25
HDB BLM E . 4.55 23.83 -25.02
HDC BLM E . 5.36 24.28 -26.30
HDA BLM E . 4.57 25.35 -25.44
HNM BLM E . 9.00 22.05 -23.40
H2E BLM E . 11.35 24.31 -23.25
H2X BLM E . 11.40 22.84 -23.84
H1E BLM E . 10.47 22.12 -21.65
H1X BLM E . 10.10 23.64 -21.43
HNP BLM E . 18.62 27.92 -19.06
H501 BLM E . 20.31 27.03 -17.17
H502 BLM E . 20.30 28.51 -17.75
H511 BLM E . 21.30 27.22 -19.77
H512 BLM E . 22.21 27.92 -18.68
H521 BLM E . 21.61 25.18 -18.90
H522 BLM E . 21.93 25.74 -17.46
H551 BLM E . 24.55 24.41 -17.00
H552 BLM E . 23.96 23.52 -18.15
H553 BLM E . 25.42 24.12 -18.29
H541 BLM E . 23.48 25.96 -21.03
H542 BLM E . 23.09 24.50 -20.54
H543 BLM E . 24.61 24.88 -20.75
HO59 BLM E . 0.38 20.74 -16.19
HO58 BLM E . 0.44 18.24 -14.36
H611 BLM E . -1.24 19.59 -18.09
H612 BLM E . -0.45 20.09 -19.37
HO61 BLM E . -0.42 21.88 -18.46
H60 BLM E . 1.61 19.58 -18.24
H63 BLM E . 1.13 16.06 -18.78
H57 BLM E . 0.93 15.68 -16.63
H58 BLM E . -0.50 17.41 -16.40
H59 BLM E . 1.79 19.05 -16.17
H69 BLM E . 4.73 16.49 -15.12
H68 BLM E . 5.24 15.02 -16.92
H67 BLM E . 5.23 13.01 -14.88
H65 BLM E . 3.30 12.39 -16.58
H64 BLM E . 2.41 15.27 -14.81
HO67 BLM E . 5.71 11.68 -16.41
HO69 BLM E . 5.38 15.02 -13.56
HNQ1 BLM E . 8.61 16.89 -14.25
HNQ2 BLM E . 7.90 15.77 -13.57
HO66 BLM E . 3.74 11.05 -14.61
H661 BLM E . 1.90 12.94 -14.60
H662 BLM E . 3.29 13.16 -13.88
#